data_6INZ
#
_entry.id   6INZ
#
_cell.length_a   48.740
_cell.length_b   97.501
_cell.length_c   132.443
_cell.angle_alpha   90.00
_cell.angle_beta   90.00
_cell.angle_gamma   90.00
#
_symmetry.space_group_name_H-M   'P 21 21 21'
#
loop_
_entity.id
_entity.type
_entity.pdbx_description
1 polymer 'Extracellular solute-binding protein family 1'
2 branched '4-deoxy-alpha-L-threo-hex-4-enopyranuronic acid-(1-3)-2-acetamido-2-deoxy-beta-D-glucopyranose'
3 non-polymer 'SULFATE ION'
4 non-polymer 'CALCIUM ION'
5 water water
#
_entity_poly.entity_id   1
_entity_poly.type   'polypeptide(L)'
_entity_poly.pdbx_seq_one_letter_code
;MKKLLALGLLGLVLASCGKKEETTTGPKETTIFAMHLGKALDPNLPVFVKAEKDTNIKLVNVASQNQTDQIQAYNLMLTE
GKLPDIVSYELSADLENLGIEGGLIPLEDLINQHAPNLKKFFEENPRYKKDAVAVDGHIYMIPNYYDYFNIKVSQGYFIR
QDWLEKLGLKEPRTVDELYTTLKAFREKDPNGNGKKDEVPFFVRANNVRKVLTSLVDLFKASPIWYEENGMVKYGPAQKE
FKHAIKELSKWYKEGLIDEEIFTRGLESRDYLLSNNLGGATDDWIASTSSYNRNLADKIPGFNLKLVLPYELNGNAKTRH
ARTTYLGGWGISKDAKDPVSLIKYFDYWYSVEGRRLWNFGIEGSEYTLVDGKPVFTDKVLKNPDGKTPLAVLREVGAQYR
LGAFQDAQYELGWASESAKAGYKYYMDNDVVLDELPILKYTKEKSKEFVSIDTAMRAVVEEKAQQWILGSGDIDKEWDAY
IKRLENLGLSKAEQIQNEAFKNFNK
;
_entity_poly.pdbx_strand_id   A
#
# COMPACT_ATOMS: atom_id res chain seq x y z
N PRO A 27 6.37 -33.27 6.30
CA PRO A 27 6.86 -32.26 7.26
C PRO A 27 6.02 -32.17 8.59
N LYS A 28 6.59 -31.56 9.65
CA LYS A 28 5.81 -31.08 10.80
C LYS A 28 5.02 -29.85 10.34
N GLU A 29 4.30 -29.18 11.22
CA GLU A 29 3.61 -27.97 10.77
C GLU A 29 4.25 -26.74 11.38
N THR A 30 4.33 -25.68 10.55
CA THR A 30 4.79 -24.38 10.99
C THR A 30 3.61 -23.43 11.05
N THR A 31 3.37 -22.86 12.24
CA THR A 31 2.29 -21.87 12.39
C THR A 31 2.78 -20.49 12.02
N ILE A 32 1.87 -19.72 11.44
CA ILE A 32 2.23 -18.41 10.97
C ILE A 32 1.01 -17.56 11.19
N PHE A 33 1.21 -16.29 11.54
CA PHE A 33 0.19 -15.26 11.40
C PHE A 33 0.55 -14.48 10.13
N ALA A 34 -0.34 -14.47 9.14
CA ALA A 34 -0.06 -13.71 7.91
C ALA A 34 -1.39 -13.30 7.26
N MET A 35 -1.51 -11.99 7.02
CA MET A 35 -2.61 -11.41 6.31
C MET A 35 -2.07 -10.43 5.29
N HIS A 36 -2.84 -10.20 4.23
CA HIS A 36 -2.44 -9.14 3.31
C HIS A 36 -3.62 -8.72 2.45
N LEU A 37 -3.85 -7.41 2.37
CA LEU A 37 -4.99 -6.89 1.61
C LEU A 37 -6.32 -7.56 2.04
N GLY A 38 -6.54 -7.69 3.34
CA GLY A 38 -7.77 -8.29 3.84
C GLY A 38 -7.87 -9.81 3.71
N LYS A 39 -6.78 -10.53 3.42
CA LYS A 39 -6.85 -11.96 3.15
C LYS A 39 -5.75 -12.67 3.91
N ALA A 40 -6.16 -13.68 4.69
CA ALA A 40 -5.23 -14.54 5.38
C ALA A 40 -4.53 -15.45 4.37
N LEU A 41 -3.19 -15.60 4.49
CA LEU A 41 -2.41 -16.42 3.57
C LEU A 41 -2.98 -17.83 3.54
N ASP A 42 -3.31 -18.29 2.33
CA ASP A 42 -3.72 -19.67 2.12
C ASP A 42 -2.54 -20.52 1.65
N PRO A 43 -1.96 -21.36 2.51
CA PRO A 43 -0.74 -22.09 2.09
C PRO A 43 -0.96 -23.06 0.92
N ASN A 44 -2.20 -23.31 0.52
CA ASN A 44 -2.45 -24.14 -0.66
C ASN A 44 -2.54 -23.37 -1.96
N LEU A 45 -2.29 -22.07 -1.94
CA LEU A 45 -2.03 -21.41 -3.21
C LEU A 45 -0.78 -22.01 -3.88
N PRO A 46 -0.76 -22.07 -5.22
CA PRO A 46 0.39 -22.66 -5.94
C PRO A 46 1.79 -22.17 -5.50
N VAL A 47 1.99 -20.86 -5.29
CA VAL A 47 3.32 -20.39 -4.88
C VAL A 47 3.78 -21.10 -3.60
N PHE A 48 2.86 -21.25 -2.64
CA PHE A 48 3.21 -21.83 -1.33
C PHE A 48 3.20 -23.35 -1.32
N VAL A 49 2.32 -23.96 -2.10
CA VAL A 49 2.51 -25.36 -2.46
C VAL A 49 3.91 -25.59 -3.02
N LYS A 50 4.36 -24.75 -3.97
CA LYS A 50 5.72 -25.00 -4.46
C LYS A 50 6.77 -24.73 -3.38
N ALA A 51 6.58 -23.71 -2.57
CA ALA A 51 7.59 -23.43 -1.58
C ALA A 51 7.68 -24.57 -0.59
N GLU A 52 6.54 -25.09 -0.15
CA GLU A 52 6.53 -26.27 0.73
C GLU A 52 7.30 -27.43 0.10
N LYS A 53 7.02 -27.76 -1.17
CA LYS A 53 7.81 -28.80 -1.82
C LYS A 53 9.31 -28.49 -1.80
N ASP A 54 9.71 -27.25 -2.08
CA ASP A 54 11.16 -26.97 -2.11
C ASP A 54 11.83 -26.91 -0.73
N THR A 55 11.14 -26.48 0.35
CA THR A 55 11.80 -26.20 1.62
C THR A 55 11.41 -27.15 2.74
N ASN A 56 10.34 -27.94 2.52
CA ASN A 56 9.73 -28.82 3.51
C ASN A 56 9.06 -28.09 4.68
N ILE A 57 8.73 -26.82 4.56
CA ILE A 57 7.95 -26.10 5.55
C ILE A 57 6.51 -26.13 5.10
N LYS A 58 5.62 -26.61 5.96
N LYS A 58 5.63 -26.60 5.97
CA LYS A 58 4.19 -26.63 5.70
CA LYS A 58 4.19 -26.67 5.73
C LYS A 58 3.56 -25.62 6.63
C LYS A 58 3.53 -25.64 6.64
N LEU A 59 3.10 -24.51 6.08
CA LEU A 59 2.53 -23.45 6.89
C LEU A 59 1.07 -23.73 7.26
N VAL A 60 0.72 -23.37 8.50
CA VAL A 60 -0.66 -23.31 8.98
C VAL A 60 -0.89 -21.90 9.53
N ASN A 61 -1.85 -21.19 8.96
CA ASN A 61 -2.18 -19.83 9.37
C ASN A 61 -3.10 -19.79 10.60
N VAL A 62 -2.72 -19.00 11.61
CA VAL A 62 -3.59 -18.90 12.78
C VAL A 62 -4.60 -17.80 12.60
N ALA A 63 -4.49 -17.01 11.52
CA ALA A 63 -5.56 -16.08 11.14
C ALA A 63 -6.56 -16.87 10.30
N SER A 64 -7.85 -16.73 10.63
CA SER A 64 -8.80 -17.54 9.87
C SER A 64 -9.20 -16.84 8.57
N GLN A 65 -9.74 -17.61 7.63
CA GLN A 65 -10.23 -17.06 6.38
C GLN A 65 -11.35 -16.02 6.58
N ASN A 66 -12.01 -15.99 7.75
CA ASN A 66 -13.05 -14.98 7.99
C ASN A 66 -12.48 -13.63 8.44
N GLN A 67 -11.21 -13.56 8.86
CA GLN A 67 -10.66 -12.28 9.31
C GLN A 67 -10.40 -11.42 8.11
N THR A 68 -10.83 -10.15 8.16
CA THR A 68 -10.53 -9.25 7.04
C THR A 68 -9.76 -8.00 7.41
N ASP A 69 -9.42 -7.82 8.67
CA ASP A 69 -8.78 -6.61 9.13
C ASP A 69 -7.49 -7.07 9.81
N GLN A 70 -6.37 -6.84 9.12
CA GLN A 70 -5.10 -7.33 9.60
C GLN A 70 -4.79 -6.81 11.02
N ILE A 71 -5.13 -5.56 11.32
CA ILE A 71 -4.72 -4.98 12.62
C ILE A 71 -5.51 -5.63 13.75
N GLN A 72 -6.80 -5.82 13.55
CA GLN A 72 -7.61 -6.48 14.56
C GLN A 72 -7.16 -7.94 14.72
N ALA A 73 -6.99 -8.65 13.61
CA ALA A 73 -6.52 -10.04 13.71
C ALA A 73 -5.16 -10.12 14.42
N TYR A 74 -4.23 -9.18 14.14
CA TYR A 74 -2.93 -9.27 14.81
C TYR A 74 -3.05 -9.09 16.33
N ASN A 75 -3.84 -8.10 16.76
CA ASN A 75 -4.11 -7.87 18.19
C ASN A 75 -4.78 -9.06 18.86
N LEU A 76 -5.70 -9.72 18.17
CA LEU A 76 -6.26 -10.95 18.72
C LEU A 76 -5.19 -12.04 18.81
N MET A 77 -4.40 -12.23 17.75
CA MET A 77 -3.33 -13.23 17.78
C MET A 77 -2.41 -13.11 19.01
N LEU A 78 -2.07 -11.87 19.41
CA LEU A 78 -1.19 -11.65 20.55
C LEU A 78 -1.78 -12.12 21.89
N THR A 79 -3.08 -12.41 21.97
CA THR A 79 -3.71 -12.84 23.22
C THR A 79 -3.97 -14.33 23.26
N GLU A 80 -3.61 -15.08 22.23
CA GLU A 80 -4.01 -16.47 22.10
C GLU A 80 -2.89 -17.44 22.46
N GLY A 81 -2.14 -17.21 23.52
CA GLY A 81 -1.31 -18.27 24.08
C GLY A 81 0.12 -18.17 23.60
N LYS A 82 0.68 -19.29 23.14
CA LYS A 82 1.92 -19.24 22.41
C LYS A 82 1.74 -18.38 21.15
N LEU A 83 2.77 -17.64 20.79
CA LEU A 83 2.79 -17.02 19.49
C LEU A 83 2.99 -18.07 18.40
N PRO A 84 2.49 -17.83 17.20
CA PRO A 84 2.85 -18.72 16.09
C PRO A 84 4.35 -18.60 15.80
N ASP A 85 4.88 -19.63 15.14
CA ASP A 85 6.31 -19.69 14.90
C ASP A 85 6.78 -18.48 14.12
N ILE A 86 6.01 -18.08 13.11
CA ILE A 86 6.35 -16.97 12.25
C ILE A 86 5.27 -15.92 12.41
N VAL A 87 5.70 -14.69 12.64
CA VAL A 87 4.76 -13.57 12.74
C VAL A 87 5.01 -12.64 11.57
N SER A 88 3.99 -12.43 10.74
CA SER A 88 4.06 -11.49 9.65
C SER A 88 3.09 -10.34 9.94
N TYR A 89 3.56 -9.11 9.75
CA TYR A 89 2.74 -7.95 10.00
C TYR A 89 3.13 -6.79 9.06
N GLU A 90 2.11 -6.07 8.61
CA GLU A 90 2.29 -4.86 7.83
C GLU A 90 2.78 -3.66 8.63
N LEU A 91 2.59 -3.62 9.95
CA LEU A 91 2.92 -2.43 10.76
C LEU A 91 4.29 -2.64 11.37
N SER A 92 5.30 -2.10 10.71
CA SER A 92 6.60 -2.64 11.06
C SER A 92 7.12 -2.07 12.37
N ALA A 93 6.67 -0.88 12.80
CA ALA A 93 7.08 -0.40 14.12
C ALA A 93 6.46 -1.25 15.23
N ASP A 94 5.27 -1.81 15.01
CA ASP A 94 4.61 -2.65 15.99
C ASP A 94 5.29 -4.00 16.02
N LEU A 95 5.62 -4.51 14.84
CA LEU A 95 6.36 -5.76 14.73
C LEU A 95 7.70 -5.65 15.46
N GLU A 96 8.47 -4.58 15.15
CA GLU A 96 9.72 -4.35 15.90
C GLU A 96 9.49 -4.21 17.40
N ASN A 97 8.37 -3.59 17.79
CA ASN A 97 8.08 -3.48 19.20
C ASN A 97 7.93 -4.87 19.84
N LEU A 98 7.26 -5.80 19.14
CA LEU A 98 7.15 -7.19 19.59
C LEU A 98 8.55 -7.82 19.81
N GLY A 99 9.50 -7.49 18.95
CA GLY A 99 10.89 -7.90 19.19
C GLY A 99 11.53 -7.23 20.40
N ILE A 100 11.40 -5.89 20.50
CA ILE A 100 11.93 -5.21 21.67
C ILE A 100 11.42 -5.83 22.98
N GLU A 101 10.16 -6.29 23.01
CA GLU A 101 9.59 -6.89 24.21
C GLU A 101 9.84 -8.38 24.36
N GLY A 102 10.59 -9.04 23.44
CA GLY A 102 10.94 -10.46 23.56
C GLY A 102 10.04 -11.40 22.78
N GLY A 103 8.98 -10.92 22.13
CA GLY A 103 8.10 -11.81 21.38
C GLY A 103 8.75 -12.40 20.13
N LEU A 104 9.61 -11.63 19.45
CA LEU A 104 10.40 -12.12 18.32
C LEU A 104 11.86 -12.22 18.72
N ILE A 105 12.59 -13.18 18.15
CA ILE A 105 14.00 -13.35 18.49
C ILE A 105 14.89 -12.53 17.57
N PRO A 106 16.07 -12.14 18.05
CA PRO A 106 17.09 -11.61 17.13
C PRO A 106 17.46 -12.63 16.07
N LEU A 107 17.61 -12.14 14.87
CA LEU A 107 17.96 -13.04 13.77
C LEU A 107 19.41 -12.88 13.29
N GLU A 108 20.15 -11.87 13.74
CA GLU A 108 21.38 -11.57 13.01
C GLU A 108 22.37 -12.73 13.06
N ASP A 109 22.39 -13.47 14.17
CA ASP A 109 23.29 -14.63 14.20
C ASP A 109 22.75 -15.81 13.38
N LEU A 110 21.46 -16.15 13.49
CA LEU A 110 20.86 -17.11 12.55
C LEU A 110 21.17 -16.77 11.09
N ILE A 111 21.08 -15.48 10.72
CA ILE A 111 21.34 -15.13 9.34
C ILE A 111 22.80 -15.43 9.02
N ASN A 112 23.71 -15.00 9.90
CA ASN A 112 25.12 -15.21 9.66
C ASN A 112 25.45 -16.71 9.51
N GLN A 113 24.80 -17.57 10.28
CA GLN A 113 25.17 -18.99 10.20
C GLN A 113 24.46 -19.72 9.08
N HIS A 114 23.24 -19.33 8.78
CA HIS A 114 22.33 -20.25 8.11
C HIS A 114 21.55 -19.64 6.97
N ALA A 115 21.82 -18.41 6.57
CA ALA A 115 20.99 -17.72 5.57
C ALA A 115 21.92 -16.99 4.66
N PRO A 116 22.68 -17.74 3.83
CA PRO A 116 23.64 -17.10 2.89
C PRO A 116 22.97 -16.21 1.86
N ASN A 117 21.72 -16.47 1.49
CA ASN A 117 21.10 -15.60 0.49
C ASN A 117 20.81 -14.24 1.08
N LEU A 118 20.26 -14.22 2.31
CA LEU A 118 20.02 -13.00 3.04
C LEU A 118 21.34 -12.25 3.35
N LYS A 119 22.35 -13.00 3.78
CA LYS A 119 23.59 -12.39 4.20
C LYS A 119 24.20 -11.63 3.02
N LYS A 120 24.24 -12.27 1.85
CA LYS A 120 24.71 -11.60 0.63
C LYS A 120 23.81 -10.43 0.25
N PHE A 121 22.49 -10.61 0.34
CA PHE A 121 21.57 -9.48 0.10
C PHE A 121 21.91 -8.25 0.96
N PHE A 122 22.13 -8.45 2.25
CA PHE A 122 22.50 -7.36 3.13
C PHE A 122 23.84 -6.72 2.74
N GLU A 123 24.84 -7.55 2.34
CA GLU A 123 26.15 -7.01 1.92
C GLU A 123 26.02 -6.07 0.71
N GLU A 124 25.18 -6.44 -0.24
CA GLU A 124 25.02 -5.70 -1.48
C GLU A 124 24.02 -4.56 -1.40
N ASN A 125 23.19 -4.51 -0.36
CA ASN A 125 22.17 -3.47 -0.26
C ASN A 125 22.26 -2.79 1.10
N PRO A 126 23.27 -1.94 1.29
CA PRO A 126 23.48 -1.37 2.64
C PRO A 126 22.27 -0.59 3.12
N ARG A 127 21.52 0.07 2.23
CA ARG A 127 20.33 0.76 2.70
C ARG A 127 19.27 -0.24 3.21
N TYR A 128 19.10 -1.37 2.54
CA TYR A 128 18.12 -2.36 3.03
C TYR A 128 18.56 -3.00 4.33
N LYS A 129 19.87 -3.25 4.50
CA LYS A 129 20.38 -3.71 5.78
C LYS A 129 19.96 -2.75 6.92
N LYS A 130 20.21 -1.44 6.76
CA LYS A 130 19.79 -0.46 7.79
C LYS A 130 18.30 -0.58 8.14
N ASP A 131 17.44 -0.83 7.16
CA ASP A 131 16.00 -0.99 7.43
C ASP A 131 15.69 -2.20 8.32
N ALA A 132 16.51 -3.25 8.23
CA ALA A 132 16.34 -4.41 9.05
C ALA A 132 16.84 -4.20 10.49
N VAL A 133 17.76 -3.30 10.76
CA VAL A 133 18.37 -3.19 12.06
C VAL A 133 17.55 -2.30 12.97
N ALA A 134 17.08 -2.85 14.08
CA ALA A 134 16.49 -2.07 15.15
C ALA A 134 17.52 -1.12 15.80
N VAL A 135 16.99 -0.17 16.60
CA VAL A 135 17.84 0.85 17.19
C VAL A 135 18.78 0.17 18.20
N ASP A 136 18.35 -0.95 18.79
CA ASP A 136 19.26 -1.63 19.71
C ASP A 136 20.30 -2.49 19.00
N GLY A 137 20.32 -2.52 17.65
CA GLY A 137 21.32 -3.31 16.93
C GLY A 137 20.92 -4.74 16.62
N HIS A 138 19.83 -5.23 17.19
CA HIS A 138 19.25 -6.49 16.72
C HIS A 138 18.51 -6.34 15.40
N ILE A 139 18.51 -7.42 14.62
CA ILE A 139 17.53 -7.60 13.55
C ILE A 139 16.39 -8.49 14.06
N TYR A 140 15.17 -7.97 14.02
CA TYR A 140 13.99 -8.69 14.51
C TYR A 140 13.02 -9.14 13.42
N MET A 141 13.11 -8.56 12.24
CA MET A 141 12.24 -8.92 11.15
C MET A 141 13.06 -8.79 9.87
N ILE A 142 12.74 -9.62 8.88
CA ILE A 142 13.09 -9.35 7.49
C ILE A 142 11.98 -8.48 6.90
N PRO A 143 12.26 -7.25 6.49
CA PRO A 143 11.24 -6.44 5.75
C PRO A 143 10.74 -7.09 4.45
N ASN A 144 9.53 -6.73 4.03
CA ASN A 144 9.12 -6.97 2.64
C ASN A 144 9.52 -5.74 1.82
N TYR A 145 10.61 -5.85 1.06
CA TYR A 145 11.15 -4.75 0.29
C TYR A 145 10.49 -4.55 -1.07
N TYR A 146 10.17 -3.31 -1.38
CA TYR A 146 9.98 -2.90 -2.75
C TYR A 146 11.29 -2.88 -3.49
N ASP A 147 11.22 -2.85 -4.83
CA ASP A 147 12.45 -2.77 -5.60
C ASP A 147 12.76 -1.30 -5.84
N TYR A 148 13.06 -0.68 -4.73
CA TYR A 148 12.89 0.76 -4.56
C TYR A 148 13.82 1.57 -5.46
N PHE A 149 15.05 1.11 -5.63
CA PHE A 149 16.06 1.76 -6.44
C PHE A 149 15.83 1.51 -7.90
N ASN A 150 14.86 0.65 -8.27
CA ASN A 150 14.40 0.62 -9.67
C ASN A 150 13.04 1.29 -9.89
N ILE A 151 12.10 1.22 -8.96
CA ILE A 151 10.83 1.91 -9.12
C ILE A 151 10.47 2.50 -7.77
N LYS A 152 10.39 3.85 -7.69
CA LYS A 152 9.95 4.55 -6.46
C LYS A 152 8.58 5.16 -6.60
N VAL A 153 8.15 5.44 -7.81
CA VAL A 153 6.87 6.07 -7.88
C VAL A 153 5.80 5.01 -7.60
N SER A 154 4.59 5.47 -7.30
CA SER A 154 3.58 4.48 -6.95
C SER A 154 2.24 4.92 -7.51
N GLN A 155 1.56 5.81 -6.82
CA GLN A 155 0.24 6.25 -7.26
C GLN A 155 0.35 7.50 -8.16
N GLY A 156 -0.57 7.62 -9.09
CA GLY A 156 -0.69 8.81 -9.90
C GLY A 156 -2.16 9.12 -10.12
N TYR A 157 -2.40 10.22 -10.82
CA TYR A 157 -3.76 10.68 -11.11
C TYR A 157 -4.22 10.29 -12.50
N PHE A 158 -5.42 9.81 -12.58
CA PHE A 158 -5.94 9.34 -13.84
C PHE A 158 -7.28 10.00 -14.08
N ILE A 159 -7.54 10.28 -15.35
CA ILE A 159 -8.84 10.78 -15.75
C ILE A 159 -9.27 10.11 -17.06
N ARG A 160 -10.59 10.04 -17.26
CA ARG A 160 -11.18 9.49 -18.47
C ARG A 160 -11.05 10.44 -19.64
N GLN A 161 -9.93 10.38 -20.37
CA GLN A 161 -9.73 11.13 -21.59
C GLN A 161 -10.93 10.98 -22.53
N ASP A 162 -11.50 9.79 -22.60
CA ASP A 162 -12.58 9.62 -23.57
C ASP A 162 -13.84 10.31 -23.09
N TRP A 163 -14.02 10.47 -21.77
CA TRP A 163 -15.14 11.30 -21.35
C TRP A 163 -14.84 12.78 -21.60
N LEU A 164 -13.57 13.17 -21.52
CA LEU A 164 -13.24 14.55 -21.82
C LEU A 164 -13.65 14.85 -23.23
N GLU A 165 -13.30 13.96 -24.16
CA GLU A 165 -13.56 14.19 -25.57
C GLU A 165 -15.06 14.14 -25.90
N LYS A 166 -15.80 13.14 -25.41
CA LYS A 166 -17.25 13.09 -25.66
C LYS A 166 -17.93 14.39 -25.24
N LEU A 167 -17.41 15.09 -24.21
CA LEU A 167 -18.14 16.23 -23.66
C LEU A 167 -17.56 17.60 -24.03
N GLY A 168 -16.44 17.66 -24.77
CA GLY A 168 -15.87 18.92 -25.21
C GLY A 168 -14.87 19.61 -24.32
N LEU A 169 -14.39 18.98 -23.22
CA LEU A 169 -13.64 19.68 -22.19
C LEU A 169 -12.14 19.64 -22.39
N LYS A 170 -11.48 20.71 -21.93
CA LYS A 170 -10.05 20.66 -21.91
C LYS A 170 -9.62 19.81 -20.71
N GLU A 171 -8.39 19.33 -20.75
CA GLU A 171 -7.86 18.57 -19.63
C GLU A 171 -7.66 19.50 -18.44
N PRO A 172 -8.24 19.20 -17.27
CA PRO A 172 -8.00 20.03 -16.08
C PRO A 172 -6.55 19.95 -15.63
N ARG A 173 -5.99 21.08 -15.26
CA ARG A 173 -4.64 21.10 -14.76
C ARG A 173 -4.57 21.50 -13.29
N THR A 174 -5.62 22.09 -12.75
CA THR A 174 -5.63 22.61 -11.38
C THR A 174 -6.76 21.90 -10.65
N VAL A 175 -6.67 21.91 -9.33
CA VAL A 175 -7.73 21.34 -8.50
C VAL A 175 -9.09 21.96 -8.81
N ASP A 176 -9.18 23.30 -8.94
CA ASP A 176 -10.49 23.90 -9.26
C ASP A 176 -10.93 23.62 -10.72
N GLU A 177 -10.03 23.47 -11.67
CA GLU A 177 -10.49 22.97 -12.97
C GLU A 177 -10.97 21.52 -12.87
N LEU A 178 -10.34 20.69 -12.02
CA LEU A 178 -10.81 19.31 -11.87
C LEU A 178 -12.23 19.29 -11.32
N TYR A 179 -12.46 20.09 -10.25
CA TYR A 179 -13.78 20.17 -9.63
C TYR A 179 -14.83 20.44 -10.70
N THR A 180 -14.52 21.37 -11.62
CA THR A 180 -15.46 21.77 -12.68
C THR A 180 -15.63 20.67 -13.72
N THR A 181 -14.53 20.00 -14.11
CA THR A 181 -14.63 18.82 -14.97
C THR A 181 -15.45 17.69 -14.34
N LEU A 182 -15.21 17.39 -13.05
CA LEU A 182 -15.97 16.32 -12.42
C LEU A 182 -17.44 16.66 -12.35
N LYS A 183 -17.75 17.93 -12.08
CA LYS A 183 -19.15 18.35 -12.09
C LYS A 183 -19.80 18.07 -13.44
N ALA A 184 -19.07 18.34 -14.51
CA ALA A 184 -19.54 18.02 -15.86
C ALA A 184 -19.68 16.49 -16.06
N PHE A 185 -18.74 15.68 -15.48
CA PHE A 185 -18.92 14.23 -15.53
C PHE A 185 -20.18 13.82 -14.80
N ARG A 186 -20.51 14.50 -13.71
CA ARG A 186 -21.66 14.05 -12.94
C ARG A 186 -22.97 14.36 -13.64
N GLU A 187 -23.06 15.54 -14.29
CA GLU A 187 -24.30 16.17 -14.81
C GLU A 187 -24.59 15.91 -16.29
N LYS A 188 -23.59 15.70 -17.14
CA LYS A 188 -23.79 15.68 -18.59
C LYS A 188 -23.67 14.30 -19.21
N ASP A 189 -23.89 13.22 -18.44
CA ASP A 189 -24.09 11.86 -18.96
C ASP A 189 -23.03 11.33 -19.93
N PRO A 190 -21.73 11.40 -19.58
CA PRO A 190 -20.70 11.05 -20.58
C PRO A 190 -20.74 9.58 -21.00
N ASN A 191 -21.29 8.69 -20.18
CA ASN A 191 -21.42 7.33 -20.62
C ASN A 191 -22.71 7.11 -21.41
N GLY A 192 -23.42 8.20 -21.76
CA GLY A 192 -24.42 8.21 -22.83
C GLY A 192 -25.59 7.29 -22.62
N ASN A 193 -25.85 6.85 -21.40
CA ASN A 193 -26.98 5.98 -21.13
C ASN A 193 -28.19 6.76 -20.65
N GLY A 194 -28.14 8.09 -20.63
CA GLY A 194 -29.31 8.80 -20.15
C GLY A 194 -29.59 8.72 -18.67
N LYS A 195 -28.76 8.03 -17.86
CA LYS A 195 -28.93 7.95 -16.41
C LYS A 195 -27.81 8.76 -15.73
N LYS A 196 -28.11 9.43 -14.58
CA LYS A 196 -27.13 10.16 -13.74
C LYS A 196 -26.44 9.21 -12.73
N ASP A 197 -25.65 8.30 -13.28
CA ASP A 197 -25.02 7.25 -12.52
C ASP A 197 -23.51 7.44 -12.43
N GLU A 198 -22.95 8.44 -13.12
CA GLU A 198 -21.51 8.55 -13.16
C GLU A 198 -20.97 8.76 -11.75
N VAL A 199 -19.81 8.17 -11.51
CA VAL A 199 -19.13 8.32 -10.23
C VAL A 199 -17.86 9.06 -10.58
N PRO A 200 -17.89 10.39 -10.51
CA PRO A 200 -16.81 11.18 -11.13
C PRO A 200 -15.44 10.89 -10.52
N PHE A 201 -15.35 10.74 -9.19
CA PHE A 201 -14.05 10.45 -8.60
C PHE A 201 -14.19 9.31 -7.60
N PHE A 202 -13.27 8.34 -7.62
CA PHE A 202 -13.36 7.19 -6.74
C PHE A 202 -11.94 6.75 -6.35
N VAL A 203 -11.82 5.87 -5.34
CA VAL A 203 -10.53 5.45 -4.79
C VAL A 203 -10.63 3.95 -4.60
N ARG A 204 -9.49 3.30 -4.42
CA ARG A 204 -9.46 1.86 -4.11
C ARG A 204 -8.81 1.64 -2.73
N ALA A 205 -9.57 1.10 -1.78
CA ALA A 205 -9.14 1.03 -0.38
C ALA A 205 -9.94 -0.01 0.41
N ASN A 206 -9.30 -0.61 1.41
CA ASN A 206 -9.98 -1.48 2.40
C ASN A 206 -9.76 -1.02 3.83
N ASN A 207 -9.44 0.26 4.06
CA ASN A 207 -9.64 0.86 5.36
C ASN A 207 -9.67 2.37 5.20
N VAL A 208 -10.12 3.03 6.24
CA VAL A 208 -10.28 4.48 6.20
C VAL A 208 -8.95 5.17 5.89
N ARG A 209 -7.82 4.75 6.50
CA ARG A 209 -6.56 5.40 6.16
C ARG A 209 -6.27 5.34 4.64
N LYS A 210 -6.49 4.20 4.00
CA LYS A 210 -6.26 4.16 2.54
C LYS A 210 -7.24 5.07 1.79
N VAL A 211 -8.49 5.15 2.24
CA VAL A 211 -9.39 6.13 1.60
C VAL A 211 -8.78 7.54 1.67
N LEU A 212 -8.40 7.98 2.90
CA LEU A 212 -7.82 9.32 3.13
C LEU A 212 -6.53 9.55 2.32
N THR A 213 -5.64 8.57 2.31
CA THR A 213 -4.41 8.65 1.51
C THR A 213 -4.70 9.05 0.08
N SER A 214 -5.71 8.46 -0.51
CA SER A 214 -6.04 8.72 -1.90
C SER A 214 -6.97 9.91 -2.09
N LEU A 215 -7.48 10.54 -1.03
CA LEU A 215 -8.33 11.70 -1.19
C LEU A 215 -7.62 12.99 -0.84
N VAL A 216 -6.81 13.01 0.23
CA VAL A 216 -6.29 14.29 0.71
C VAL A 216 -4.98 14.68 -0.01
N ASP A 217 -4.30 13.72 -0.66
CA ASP A 217 -3.11 14.12 -1.41
C ASP A 217 -3.49 15.09 -2.53
N LEU A 218 -4.71 14.95 -3.07
N LEU A 218 -4.71 14.94 -3.06
CA LEU A 218 -5.17 15.88 -4.12
CA LEU A 218 -5.22 15.85 -4.08
C LEU A 218 -5.08 17.33 -3.65
C LEU A 218 -5.08 17.30 -3.65
N PHE A 219 -5.26 17.55 -2.35
CA PHE A 219 -5.16 18.89 -1.80
C PHE A 219 -3.86 19.09 -1.06
N LYS A 220 -2.83 18.30 -1.38
CA LYS A 220 -1.47 18.50 -0.90
C LYS A 220 -1.37 18.26 0.61
N ALA A 221 -2.37 17.58 1.19
CA ALA A 221 -2.32 17.18 2.58
C ALA A 221 -1.82 15.75 2.63
N SER A 222 -1.75 15.23 3.87
CA SER A 222 -1.28 13.89 4.19
C SER A 222 -1.98 13.36 5.44
N PRO A 223 -2.35 12.09 5.48
CA PRO A 223 -2.93 11.50 6.71
C PRO A 223 -1.92 10.87 7.65
N ILE A 224 -0.64 10.85 7.29
CA ILE A 224 0.41 10.21 8.08
C ILE A 224 1.44 11.29 8.39
N TRP A 225 2.61 10.90 8.92
CA TRP A 225 3.75 11.80 9.12
C TRP A 225 4.51 12.12 7.82
N TYR A 226 5.07 13.32 7.73
CA TYR A 226 5.95 13.60 6.58
C TYR A 226 7.06 14.58 6.96
N GLU A 227 8.03 14.73 6.09
CA GLU A 227 9.16 15.61 6.36
C GLU A 227 9.04 16.93 5.60
N GLU A 228 9.42 18.02 6.26
CA GLU A 228 9.33 19.37 5.67
C GLU A 228 10.41 20.21 6.31
N ASN A 229 11.43 20.61 5.52
CA ASN A 229 12.59 21.40 6.01
C ASN A 229 13.28 20.74 7.20
N GLY A 230 13.45 19.42 7.14
CA GLY A 230 13.98 18.63 8.22
C GLY A 230 13.17 18.53 9.51
N MET A 231 11.92 19.02 9.57
CA MET A 231 11.03 18.66 10.67
C MET A 231 10.11 17.53 10.20
N VAL A 232 9.84 16.55 11.06
CA VAL A 232 8.83 15.53 10.81
C VAL A 232 7.53 16.07 11.35
N LYS A 233 6.45 16.03 10.55
CA LYS A 233 5.17 16.62 10.96
C LYS A 233 4.05 15.61 10.83
N TYR A 234 3.07 15.69 11.73
CA TYR A 234 1.84 14.91 11.66
C TYR A 234 0.87 15.57 10.68
N GLY A 235 0.70 14.96 9.50
CA GLY A 235 -0.19 15.51 8.49
C GLY A 235 -1.59 15.86 8.95
N PRO A 236 -2.24 15.04 9.78
CA PRO A 236 -3.62 15.37 10.16
C PRO A 236 -3.72 16.56 11.09
N ALA A 237 -2.60 17.00 11.68
CA ALA A 237 -2.69 18.21 12.49
C ALA A 237 -2.39 19.49 11.67
N GLN A 238 -2.18 19.42 10.34
CA GLN A 238 -1.73 20.59 9.61
C GLN A 238 -2.92 21.33 9.00
N LYS A 239 -2.70 22.61 8.66
CA LYS A 239 -3.78 23.42 8.06
C LYS A 239 -4.18 22.88 6.68
N GLU A 240 -3.23 22.32 5.91
CA GLU A 240 -3.57 21.71 4.63
C GLU A 240 -4.62 20.62 4.77
N PHE A 241 -4.51 19.81 5.85
CA PHE A 241 -5.47 18.74 6.10
C PHE A 241 -6.86 19.30 6.35
N LYS A 242 -6.94 20.29 7.22
CA LYS A 242 -8.22 20.96 7.44
C LYS A 242 -8.83 21.48 6.13
N HIS A 243 -8.01 22.15 5.32
CA HIS A 243 -8.53 22.61 4.04
C HIS A 243 -8.94 21.41 3.17
N ALA A 244 -8.16 20.32 3.16
CA ALA A 244 -8.55 19.14 2.35
C ALA A 244 -9.91 18.58 2.78
N ILE A 245 -10.12 18.39 4.09
CA ILE A 245 -11.36 17.77 4.51
C ILE A 245 -12.51 18.69 4.18
N LYS A 246 -12.28 19.98 4.35
CA LYS A 246 -13.30 20.96 4.01
C LYS A 246 -13.62 20.91 2.51
N GLU A 247 -12.61 20.90 1.63
CA GLU A 247 -12.98 20.77 0.21
C GLU A 247 -13.67 19.42 -0.08
N LEU A 248 -13.09 18.32 0.43
CA LEU A 248 -13.65 17.00 0.16
C LEU A 248 -15.11 16.94 0.59
N SER A 249 -15.41 17.55 1.74
CA SER A 249 -16.77 17.69 2.24
C SER A 249 -17.70 18.25 1.18
N LYS A 250 -17.23 19.34 0.57
CA LYS A 250 -18.04 20.01 -0.44
C LYS A 250 -18.14 19.15 -1.70
N TRP A 251 -17.04 18.53 -2.13
CA TRP A 251 -17.10 17.69 -3.33
C TRP A 251 -18.00 16.47 -3.10
N TYR A 252 -17.97 15.92 -1.91
CA TYR A 252 -18.80 14.77 -1.59
C TYR A 252 -20.28 15.14 -1.65
N LYS A 253 -20.63 16.25 -1.00
CA LYS A 253 -22.03 16.69 -0.95
C LYS A 253 -22.56 17.00 -2.34
N GLU A 254 -21.70 17.49 -3.22
CA GLU A 254 -22.09 17.81 -4.59
C GLU A 254 -22.22 16.55 -5.46
N GLY A 255 -21.87 15.36 -4.97
CA GLY A 255 -21.94 14.17 -5.81
C GLY A 255 -20.72 13.86 -6.65
N LEU A 256 -19.58 14.55 -6.42
CA LEU A 256 -18.37 14.36 -7.26
C LEU A 256 -17.52 13.20 -6.78
N ILE A 257 -17.55 12.92 -5.49
CA ILE A 257 -16.80 11.81 -4.93
C ILE A 257 -17.78 10.68 -4.69
N ASP A 258 -17.37 9.47 -5.06
CA ASP A 258 -18.15 8.27 -4.86
C ASP A 258 -18.87 8.31 -3.51
N GLU A 259 -20.19 8.18 -3.54
CA GLU A 259 -20.96 8.22 -2.31
C GLU A 259 -20.62 7.06 -1.37
N GLU A 260 -20.22 5.92 -1.92
CA GLU A 260 -19.94 4.73 -1.15
C GLU A 260 -18.44 4.61 -0.90
N ILE A 261 -17.71 5.72 -0.99
CA ILE A 261 -16.26 5.66 -0.94
C ILE A 261 -15.77 4.94 0.31
N PHE A 262 -16.47 5.12 1.45
CA PHE A 262 -16.05 4.50 2.70
C PHE A 262 -16.53 3.07 2.87
N THR A 263 -17.54 2.60 2.11
CA THR A 263 -18.13 1.27 2.28
C THR A 263 -17.71 0.23 1.25
N ARG A 264 -17.18 0.62 0.07
CA ARG A 264 -16.62 -0.39 -0.83
C ARG A 264 -15.27 -0.87 -0.31
N GLY A 265 -14.77 -1.95 -0.90
CA GLY A 265 -13.44 -2.43 -0.57
C GLY A 265 -12.56 -2.41 -1.83
N LEU A 266 -11.59 -3.33 -1.93
CA LEU A 266 -10.58 -3.26 -2.99
C LEU A 266 -11.14 -3.52 -4.39
N GLU A 267 -12.41 -3.92 -4.47
CA GLU A 267 -13.09 -4.19 -5.73
C GLU A 267 -13.63 -2.91 -6.39
N SER A 268 -13.56 -1.76 -5.70
CA SER A 268 -14.18 -0.54 -6.21
C SER A 268 -13.72 -0.22 -7.62
N ARG A 269 -12.38 -0.19 -7.82
CA ARG A 269 -11.85 0.22 -9.12
C ARG A 269 -12.39 -0.67 -10.21
N ASP A 270 -12.30 -1.97 -9.99
CA ASP A 270 -12.78 -2.93 -10.97
C ASP A 270 -14.26 -2.76 -11.24
N TYR A 271 -15.05 -2.67 -10.18
CA TYR A 271 -16.48 -2.44 -10.30
C TYR A 271 -16.78 -1.12 -11.02
N LEU A 272 -16.09 -0.03 -10.70
CA LEU A 272 -16.57 1.22 -11.29
C LEU A 272 -16.04 1.42 -12.70
N LEU A 273 -14.83 0.93 -13.00
CA LEU A 273 -14.39 1.11 -14.38
C LEU A 273 -15.11 0.13 -15.30
N SER A 274 -15.36 -1.06 -14.84
CA SER A 274 -15.87 -2.08 -15.76
C SER A 274 -17.36 -1.85 -16.07
N ASN A 275 -18.06 -1.15 -15.19
CA ASN A 275 -19.44 -0.75 -15.47
C ASN A 275 -19.53 0.65 -16.09
N ASN A 276 -18.41 1.25 -16.48
CA ASN A 276 -18.35 2.55 -17.14
C ASN A 276 -18.95 3.66 -16.28
N LEU A 277 -18.73 3.60 -14.94
CA LEU A 277 -19.29 4.59 -14.02
C LEU A 277 -18.27 5.61 -13.56
N GLY A 278 -16.98 5.27 -13.67
CA GLY A 278 -15.94 6.00 -12.99
C GLY A 278 -15.20 6.96 -13.90
N GLY A 279 -15.03 8.21 -13.40
CA GLY A 279 -14.39 9.16 -14.26
C GLY A 279 -12.94 9.40 -13.97
N ALA A 280 -12.51 9.21 -12.71
CA ALA A 280 -11.22 9.74 -12.30
C ALA A 280 -10.85 9.14 -10.97
N THR A 281 -9.54 8.97 -10.73
CA THR A 281 -9.06 8.35 -9.49
C THR A 281 -7.60 8.76 -9.26
N ASP A 282 -7.08 8.33 -8.12
CA ASP A 282 -5.70 8.50 -7.68
C ASP A 282 -5.29 7.08 -7.24
N ASP A 283 -4.40 6.42 -7.97
CA ASP A 283 -4.13 4.99 -7.73
C ASP A 283 -2.82 4.60 -8.44
N TRP A 284 -2.38 3.37 -8.13
CA TRP A 284 -1.08 2.82 -8.57
C TRP A 284 -0.99 2.82 -10.10
N ILE A 285 0.15 3.31 -10.61
CA ILE A 285 0.22 3.61 -12.03
C ILE A 285 0.07 2.35 -12.88
N ALA A 286 0.83 1.28 -12.59
CA ALA A 286 0.82 0.11 -13.49
C ALA A 286 -0.56 -0.55 -13.56
N SER A 287 -1.15 -0.91 -12.43
CA SER A 287 -2.43 -1.61 -12.49
C SER A 287 -3.57 -0.71 -13.00
N THR A 288 -3.52 0.60 -12.71
CA THR A 288 -4.58 1.49 -13.21
C THR A 288 -4.45 1.69 -14.72
N SER A 289 -3.23 1.77 -15.24
CA SER A 289 -2.97 1.83 -16.66
C SER A 289 -3.38 0.57 -17.39
N SER A 290 -3.55 -0.53 -16.68
CA SER A 290 -3.79 -1.79 -17.34
C SER A 290 -5.22 -1.87 -17.85
N TYR A 291 -6.06 -0.91 -17.46
CA TYR A 291 -7.48 -0.98 -17.75
C TYR A 291 -7.81 -0.59 -19.18
N ASN A 292 -6.96 0.20 -19.84
CA ASN A 292 -7.26 0.54 -21.23
C ASN A 292 -7.36 -0.72 -22.08
N ARG A 293 -6.38 -1.64 -21.93
CA ARG A 293 -6.48 -2.93 -22.61
C ARG A 293 -7.55 -3.84 -21.97
N ASN A 294 -7.62 -3.90 -20.64
N ASN A 294 -7.62 -3.91 -20.63
CA ASN A 294 -8.59 -4.78 -20.02
CA ASN A 294 -8.58 -4.84 -20.03
C ASN A 294 -10.00 -4.55 -20.58
C ASN A 294 -10.02 -4.56 -20.48
N LEU A 295 -10.36 -3.29 -20.76
CA LEU A 295 -11.73 -2.92 -21.04
C LEU A 295 -11.94 -2.47 -22.49
N ALA A 296 -10.92 -2.58 -23.37
CA ALA A 296 -11.00 -2.01 -24.73
C ALA A 296 -12.20 -2.52 -25.53
N ASP A 297 -12.64 -3.75 -25.28
CA ASP A 297 -13.78 -4.26 -26.03
C ASP A 297 -15.09 -4.03 -25.30
N LYS A 298 -15.06 -4.21 -23.96
CA LYS A 298 -16.24 -3.94 -23.17
C LYS A 298 -16.69 -2.48 -23.29
N ILE A 299 -15.76 -1.55 -23.47
CA ILE A 299 -16.13 -0.15 -23.48
C ILE A 299 -15.33 0.51 -24.59
N PRO A 300 -15.88 0.54 -25.80
CA PRO A 300 -15.12 1.04 -26.93
C PRO A 300 -14.67 2.48 -26.67
N GLY A 301 -13.42 2.75 -27.03
CA GLY A 301 -12.85 4.03 -26.75
C GLY A 301 -12.34 4.25 -25.32
N PHE A 302 -12.51 3.28 -24.38
CA PHE A 302 -12.08 3.47 -22.96
C PHE A 302 -10.65 4.01 -22.89
N ASN A 303 -10.47 5.14 -22.23
CA ASN A 303 -9.13 5.71 -22.21
C ASN A 303 -8.98 6.44 -20.86
N LEU A 304 -8.51 5.70 -19.87
CA LEU A 304 -8.20 6.24 -18.55
C LEU A 304 -6.72 6.66 -18.56
N LYS A 305 -6.46 7.95 -18.48
CA LYS A 305 -5.15 8.47 -18.85
C LYS A 305 -4.49 9.09 -17.62
N LEU A 306 -3.20 8.93 -17.54
CA LEU A 306 -2.42 9.49 -16.45
C LEU A 306 -2.11 10.97 -16.69
N VAL A 307 -2.41 11.80 -15.72
CA VAL A 307 -1.96 13.18 -15.76
C VAL A 307 -1.02 13.42 -14.58
N LEU A 308 -0.27 14.51 -14.64
CA LEU A 308 0.52 14.97 -13.51
C LEU A 308 -0.39 15.41 -12.35
N PRO A 309 0.11 15.39 -11.12
CA PRO A 309 -0.72 15.84 -9.98
C PRO A 309 -1.27 17.21 -10.30
N TYR A 310 -2.56 17.40 -10.03
CA TYR A 310 -3.20 18.71 -10.27
C TYR A 310 -2.58 19.80 -9.39
N GLU A 311 -2.51 20.98 -9.92
CA GLU A 311 -1.87 22.03 -9.14
C GLU A 311 -2.86 22.70 -8.21
N LEU A 312 -2.40 22.99 -7.02
CA LEU A 312 -3.22 23.67 -6.05
C LEU A 312 -2.39 24.90 -5.62
N ASN A 313 -2.74 26.09 -6.12
CA ASN A 313 -2.05 27.35 -5.78
C ASN A 313 -0.51 27.32 -6.01
N GLY A 314 -0.09 26.94 -7.23
CA GLY A 314 1.32 26.73 -7.50
C GLY A 314 1.87 25.31 -7.25
N ASN A 315 1.35 24.59 -6.24
CA ASN A 315 1.93 23.34 -5.80
C ASN A 315 1.49 22.18 -6.70
N ALA A 316 2.45 21.54 -7.36
CA ALA A 316 2.19 20.46 -8.29
C ALA A 316 2.82 19.13 -7.84
N LYS A 317 3.06 18.96 -6.53
CA LYS A 317 3.75 17.78 -6.01
C LYS A 317 2.73 16.77 -5.49
N THR A 318 3.11 15.51 -5.52
CA THR A 318 2.33 14.49 -4.84
C THR A 318 3.23 13.88 -3.76
N ARG A 319 2.62 13.38 -2.67
CA ARG A 319 3.39 12.64 -1.66
C ARG A 319 3.27 11.14 -1.82
N HIS A 320 2.66 10.67 -2.90
CA HIS A 320 2.60 9.25 -3.19
C HIS A 320 3.97 8.80 -3.65
N ALA A 321 4.60 7.93 -2.90
CA ALA A 321 5.81 7.29 -3.39
C ALA A 321 5.92 5.97 -2.66
N ARG A 322 6.75 5.07 -3.20
CA ARG A 322 7.01 3.82 -2.50
C ARG A 322 7.90 4.07 -1.26
N THR A 323 7.74 3.26 -0.23
CA THR A 323 8.77 3.26 0.81
C THR A 323 9.79 2.19 0.43
N THR A 324 10.89 2.08 1.17
CA THR A 324 11.84 0.99 0.83
C THR A 324 11.25 -0.38 1.18
N TYR A 325 10.36 -0.45 2.15
CA TYR A 325 9.75 -1.71 2.49
C TYR A 325 8.38 -1.45 3.07
N LEU A 326 7.59 -2.52 3.14
CA LEU A 326 6.25 -2.51 3.70
C LEU A 326 6.12 -3.73 4.58
N GLY A 327 6.13 -3.54 5.90
CA GLY A 327 5.97 -4.65 6.83
C GLY A 327 7.13 -5.64 6.78
N GLY A 328 6.91 -6.78 7.40
CA GLY A 328 7.93 -7.82 7.41
C GLY A 328 7.45 -9.04 8.18
N TRP A 329 8.39 -9.94 8.44
CA TRP A 329 8.04 -11.07 9.27
C TRP A 329 9.24 -11.45 10.11
N GLY A 330 8.98 -12.15 11.21
CA GLY A 330 10.04 -12.59 12.11
C GLY A 330 9.66 -13.89 12.80
N ILE A 331 10.60 -14.42 13.58
CA ILE A 331 10.43 -15.74 14.20
C ILE A 331 10.11 -15.53 15.69
N SER A 332 9.02 -16.13 16.16
CA SER A 332 8.66 -15.87 17.55
C SER A 332 9.56 -16.60 18.55
N LYS A 333 9.52 -16.10 19.79
CA LYS A 333 10.17 -16.79 20.90
C LYS A 333 9.54 -18.16 21.17
N ASP A 334 8.33 -18.43 20.71
CA ASP A 334 7.79 -19.78 20.89
C ASP A 334 8.17 -20.77 19.78
N ALA A 335 8.86 -20.36 18.72
CA ALA A 335 9.23 -21.28 17.65
C ALA A 335 10.19 -22.33 18.18
N LYS A 336 9.88 -23.59 17.91
CA LYS A 336 10.69 -24.68 18.45
C LYS A 336 11.98 -24.87 17.66
N ASP A 337 11.99 -24.48 16.38
CA ASP A 337 13.15 -24.69 15.52
C ASP A 337 13.50 -23.45 14.66
N PRO A 338 14.19 -22.48 15.25
CA PRO A 338 14.54 -21.25 14.50
C PRO A 338 15.49 -21.45 13.31
N VAL A 339 16.38 -22.44 13.35
CA VAL A 339 17.32 -22.59 12.23
C VAL A 339 16.57 -22.96 10.94
N SER A 340 15.61 -23.86 11.05
CA SER A 340 14.92 -24.24 9.84
C SER A 340 14.02 -23.08 9.36
N LEU A 341 13.51 -22.24 10.28
CA LEU A 341 12.73 -21.10 9.81
C LEU A 341 13.63 -20.01 9.17
N ILE A 342 14.79 -19.73 9.75
CA ILE A 342 15.65 -18.76 9.04
C ILE A 342 16.05 -19.34 7.64
N LYS A 343 16.12 -20.67 7.51
CA LYS A 343 16.33 -21.25 6.18
C LYS A 343 15.11 -21.04 5.30
N TYR A 344 13.93 -21.10 5.86
CA TYR A 344 12.78 -20.79 5.06
C TYR A 344 12.76 -19.33 4.62
N PHE A 345 13.08 -18.41 5.53
CA PHE A 345 13.25 -17.00 5.17
C PHE A 345 14.27 -16.82 4.06
N ASP A 346 15.36 -17.59 4.13
CA ASP A 346 16.45 -17.42 3.19
C ASP A 346 16.04 -17.90 1.82
N TYR A 347 15.17 -18.92 1.77
CA TYR A 347 14.79 -19.51 0.50
C TYR A 347 14.19 -18.46 -0.42
N TRP A 348 13.46 -17.52 0.15
CA TRP A 348 12.83 -16.50 -0.65
C TRP A 348 13.84 -15.52 -1.23
N TYR A 349 15.08 -15.53 -0.72
CA TYR A 349 16.11 -14.70 -1.29
C TYR A 349 16.99 -15.41 -2.33
N SER A 350 16.79 -16.72 -2.55
CA SER A 350 17.51 -17.37 -3.62
C SER A 350 16.88 -16.96 -4.95
N VAL A 351 17.63 -17.16 -6.01
CA VAL A 351 17.12 -16.78 -7.30
C VAL A 351 15.76 -17.42 -7.56
N GLU A 352 15.64 -18.74 -7.26
CA GLU A 352 14.40 -19.46 -7.54
C GLU A 352 13.27 -19.04 -6.62
N GLY A 353 13.55 -18.90 -5.32
CA GLY A 353 12.51 -18.49 -4.39
C GLY A 353 12.04 -17.06 -4.66
N ARG A 354 12.99 -16.16 -4.96
CA ARG A 354 12.63 -14.77 -5.26
C ARG A 354 11.81 -14.68 -6.54
N ARG A 355 12.17 -15.49 -7.55
CA ARG A 355 11.41 -15.53 -8.80
C ARG A 355 10.03 -16.14 -8.57
N LEU A 356 9.96 -17.19 -7.76
CA LEU A 356 8.67 -17.78 -7.41
C LEU A 356 7.78 -16.75 -6.70
N TRP A 357 8.31 -16.01 -5.71
CA TRP A 357 7.49 -14.99 -5.03
C TRP A 357 6.98 -13.91 -6.02
N ASN A 358 7.82 -13.50 -6.97
CA ASN A 358 7.46 -12.37 -7.81
C ASN A 358 6.60 -12.77 -8.98
N PHE A 359 6.81 -13.96 -9.53
CA PHE A 359 6.28 -14.27 -10.86
C PHE A 359 5.25 -15.39 -10.84
N GLY A 360 5.12 -16.17 -9.76
CA GLY A 360 4.21 -17.28 -9.81
C GLY A 360 4.92 -18.54 -10.26
N ILE A 361 4.21 -19.38 -11.04
CA ILE A 361 4.68 -20.71 -11.44
C ILE A 361 5.13 -20.72 -12.91
N GLU A 362 6.30 -21.29 -13.17
CA GLU A 362 6.75 -21.54 -14.52
C GLU A 362 5.75 -22.45 -15.25
N GLY A 363 5.48 -22.14 -16.50
CA GLY A 363 4.55 -22.94 -17.30
C GLY A 363 3.10 -22.61 -17.06
N SER A 364 2.78 -21.77 -16.04
CA SER A 364 1.44 -21.23 -15.73
C SER A 364 1.40 -19.70 -15.80
N GLU A 365 2.14 -18.98 -14.92
CA GLU A 365 2.17 -17.52 -14.98
C GLU A 365 3.25 -17.00 -15.88
N TYR A 366 4.34 -17.76 -16.07
CA TYR A 366 5.40 -17.25 -16.91
C TYR A 366 6.09 -18.44 -17.57
N THR A 367 6.85 -18.16 -18.62
CA THR A 367 7.83 -19.10 -19.15
C THR A 367 9.20 -18.41 -19.19
N LEU A 368 10.27 -19.20 -19.20
CA LEU A 368 11.64 -18.70 -19.33
C LEU A 368 11.99 -18.55 -20.81
N VAL A 369 12.30 -17.33 -21.22
CA VAL A 369 12.71 -17.01 -22.56
C VAL A 369 14.11 -16.47 -22.41
N ASP A 370 15.07 -17.13 -23.01
CA ASP A 370 16.45 -16.71 -22.83
C ASP A 370 16.78 -16.56 -21.34
N GLY A 371 16.52 -17.59 -20.58
CA GLY A 371 16.74 -17.54 -19.15
C GLY A 371 15.83 -16.64 -18.33
N LYS A 372 15.00 -15.75 -18.97
CA LYS A 372 14.28 -14.75 -18.18
C LYS A 372 12.76 -14.93 -18.21
N PRO A 373 12.10 -14.73 -17.08
CA PRO A 373 10.65 -14.93 -16.99
C PRO A 373 9.90 -13.97 -17.89
N VAL A 374 8.96 -14.50 -18.69
CA VAL A 374 8.08 -13.66 -19.50
C VAL A 374 6.67 -14.13 -19.22
N PHE A 375 5.76 -13.19 -18.93
CA PHE A 375 4.46 -13.66 -18.46
C PHE A 375 3.65 -14.26 -19.59
N THR A 376 2.75 -15.15 -19.21
CA THR A 376 1.86 -15.78 -20.17
C THR A 376 0.62 -14.92 -20.34
N ASP A 377 -0.23 -15.33 -21.26
CA ASP A 377 -1.38 -14.49 -21.49
C ASP A 377 -2.49 -14.73 -20.49
N LYS A 378 -2.38 -15.77 -19.67
CA LYS A 378 -3.25 -15.89 -18.51
C LYS A 378 -3.09 -14.65 -17.62
N VAL A 379 -1.88 -14.13 -17.54
CA VAL A 379 -1.58 -12.96 -16.75
C VAL A 379 -1.80 -11.70 -17.54
N LEU A 380 -1.18 -11.61 -18.73
CA LEU A 380 -1.16 -10.36 -19.52
C LEU A 380 -2.53 -10.00 -20.10
N LYS A 381 -3.37 -10.99 -20.41
CA LYS A 381 -4.58 -10.79 -21.23
C LYS A 381 -5.71 -11.60 -20.63
N ASN A 382 -5.87 -11.45 -19.35
CA ASN A 382 -6.78 -12.35 -18.70
C ASN A 382 -8.12 -12.25 -19.40
N PRO A 383 -8.71 -13.40 -19.81
CA PRO A 383 -10.04 -13.42 -20.44
C PRO A 383 -11.05 -12.53 -19.73
N ASP A 384 -11.08 -12.61 -18.39
CA ASP A 384 -12.21 -12.15 -17.58
C ASP A 384 -12.06 -10.75 -17.01
N GLY A 385 -11.34 -9.84 -17.68
CA GLY A 385 -11.24 -8.49 -17.18
C GLY A 385 -10.33 -8.29 -15.97
N LYS A 386 -9.63 -9.33 -15.52
CA LYS A 386 -8.73 -9.19 -14.37
C LYS A 386 -7.42 -8.47 -14.74
N THR A 387 -6.97 -7.56 -13.87
CA THR A 387 -5.62 -6.98 -14.05
C THR A 387 -4.57 -8.09 -13.95
N PRO A 388 -3.40 -7.86 -14.55
CA PRO A 388 -2.30 -8.83 -14.41
C PRO A 388 -1.90 -9.08 -12.94
N LEU A 389 -1.85 -8.01 -12.12
CA LEU A 389 -1.48 -8.16 -10.72
C LEU A 389 -2.48 -9.04 -9.99
N ALA A 390 -3.79 -8.81 -10.24
CA ALA A 390 -4.85 -9.57 -9.58
C ALA A 390 -4.77 -11.05 -9.99
N VAL A 391 -4.37 -11.34 -11.23
CA VAL A 391 -4.15 -12.74 -11.60
C VAL A 391 -2.97 -13.31 -10.84
N LEU A 392 -1.88 -12.53 -10.70
CA LEU A 392 -0.75 -13.04 -9.94
C LEU A 392 -1.10 -13.23 -8.46
N ARG A 393 -1.90 -12.32 -7.88
CA ARG A 393 -2.17 -12.51 -6.45
C ARG A 393 -3.02 -13.77 -6.22
N GLU A 394 -3.83 -14.15 -7.20
CA GLU A 394 -4.62 -15.41 -7.09
C GLU A 394 -3.77 -16.69 -7.03
N VAL A 395 -2.53 -16.70 -7.51
CA VAL A 395 -1.72 -17.91 -7.31
C VAL A 395 -0.85 -17.79 -6.07
N GLY A 396 -1.01 -16.70 -5.27
CA GLY A 396 -0.12 -16.41 -4.15
C GLY A 396 1.17 -15.71 -4.51
N ALA A 397 1.32 -15.17 -5.73
CA ALA A 397 2.48 -14.32 -5.95
C ALA A 397 2.25 -12.93 -5.32
N GLN A 398 3.34 -12.24 -5.01
CA GLN A 398 3.33 -10.87 -4.44
C GLN A 398 2.66 -10.80 -3.07
N TYR A 399 2.49 -11.95 -2.40
CA TYR A 399 1.89 -11.97 -1.06
C TYR A 399 2.88 -11.38 -0.02
N ARG A 400 2.53 -10.24 0.55
CA ARG A 400 3.45 -9.48 1.39
C ARG A 400 3.88 -10.31 2.58
N LEU A 401 5.18 -10.59 2.65
CA LEU A 401 5.74 -11.30 3.80
C LEU A 401 7.04 -10.65 4.24
N GLY A 402 8.18 -11.27 3.86
CA GLY A 402 9.49 -10.63 4.07
C GLY A 402 10.37 -10.83 2.81
N ALA A 403 9.82 -10.54 1.65
CA ALA A 403 10.54 -10.85 0.41
C ALA A 403 11.09 -9.56 -0.21
N PHE A 404 11.83 -9.78 -1.30
CA PHE A 404 12.46 -8.74 -2.08
C PHE A 404 11.73 -8.72 -3.42
N GLN A 405 10.82 -7.76 -3.59
CA GLN A 405 10.17 -7.54 -4.86
C GLN A 405 11.20 -7.23 -5.95
N ASP A 406 10.84 -7.57 -7.20
CA ASP A 406 11.74 -7.46 -8.35
C ASP A 406 11.00 -6.62 -9.38
N ALA A 407 11.52 -5.41 -9.65
CA ALA A 407 10.90 -4.56 -10.67
C ALA A 407 10.73 -5.27 -12.01
N GLN A 408 11.52 -6.30 -12.33
CA GLN A 408 11.28 -7.00 -13.59
C GLN A 408 9.90 -7.64 -13.63
N TYR A 409 9.38 -8.04 -12.48
CA TYR A 409 8.03 -8.57 -12.49
C TYR A 409 7.04 -7.46 -12.86
N GLU A 410 7.25 -6.27 -12.35
CA GLU A 410 6.31 -5.19 -12.60
C GLU A 410 6.46 -4.68 -14.03
N LEU A 411 7.70 -4.49 -14.46
CA LEU A 411 7.94 -4.14 -15.86
C LEU A 411 7.49 -5.26 -16.79
N GLY A 412 7.36 -6.49 -16.26
CA GLY A 412 6.93 -7.64 -17.06
C GLY A 412 5.47 -7.60 -17.51
N TRP A 413 4.59 -6.97 -16.73
CA TRP A 413 3.19 -6.84 -17.16
C TRP A 413 2.74 -5.40 -17.37
N ALA A 414 3.51 -4.40 -16.95
CA ALA A 414 3.08 -3.00 -17.08
C ALA A 414 2.84 -2.65 -18.55
N SER A 415 1.72 -1.99 -18.86
CA SER A 415 1.57 -1.54 -20.24
C SER A 415 2.67 -0.55 -20.61
N GLU A 416 2.82 -0.37 -21.91
CA GLU A 416 3.72 0.64 -22.40
C GLU A 416 3.35 2.01 -21.83
N SER A 417 2.06 2.28 -21.62
CA SER A 417 1.71 3.59 -21.07
C SER A 417 2.03 3.69 -19.58
N ALA A 418 1.97 2.58 -18.83
CA ALA A 418 2.52 2.56 -17.49
C ALA A 418 4.01 2.90 -17.51
N LYS A 419 4.78 2.26 -18.40
CA LYS A 419 6.20 2.56 -18.36
C LYS A 419 6.45 4.01 -18.79
N ALA A 420 5.69 4.51 -19.77
CA ALA A 420 5.86 5.94 -20.07
C ALA A 420 5.41 6.76 -18.86
N GLY A 421 4.39 6.26 -18.15
CA GLY A 421 3.92 6.91 -16.92
C GLY A 421 4.97 7.04 -15.83
N TYR A 422 5.74 5.97 -15.56
CA TYR A 422 6.78 6.16 -14.53
C TYR A 422 7.74 7.28 -14.89
N LYS A 423 8.11 7.36 -16.16
CA LYS A 423 9.14 8.31 -16.58
C LYS A 423 8.58 9.74 -16.58
N TYR A 424 7.30 9.86 -16.94
CA TYR A 424 6.62 11.13 -16.94
C TYR A 424 6.58 11.73 -15.54
N TYR A 425 6.29 10.91 -14.51
CA TYR A 425 6.32 11.42 -13.13
C TYR A 425 7.75 11.74 -12.67
N MET A 426 8.72 10.86 -12.93
CA MET A 426 10.10 11.15 -12.53
C MET A 426 10.68 12.38 -13.26
N ASP A 427 10.47 12.47 -14.59
CA ASP A 427 11.03 13.55 -15.40
C ASP A 427 10.54 14.90 -14.94
N ASN A 428 9.30 14.96 -14.47
CA ASN A 428 8.71 16.23 -14.12
C ASN A 428 8.90 16.57 -12.66
N ASP A 429 9.66 15.76 -11.90
N ASP A 429 9.67 15.76 -11.92
CA ASP A 429 9.98 15.98 -10.49
CA ASP A 429 9.99 15.96 -10.51
C ASP A 429 8.75 16.33 -9.65
C ASP A 429 8.74 16.36 -9.67
N VAL A 430 7.63 15.62 -9.89
CA VAL A 430 6.40 15.83 -9.11
C VAL A 430 6.31 15.00 -7.81
N VAL A 431 7.19 14.03 -7.57
CA VAL A 431 7.00 13.03 -6.51
C VAL A 431 7.92 13.41 -5.36
N LEU A 432 7.32 13.72 -4.16
CA LEU A 432 8.13 13.92 -2.95
C LEU A 432 8.47 12.56 -2.33
N ASP A 433 9.74 12.38 -2.04
CA ASP A 433 10.18 11.12 -1.43
C ASP A 433 9.54 10.88 -0.05
N GLU A 434 9.16 9.62 0.16
CA GLU A 434 8.52 9.18 1.40
C GLU A 434 9.49 9.31 2.58
N LEU A 435 8.92 9.52 3.75
CA LEU A 435 9.71 9.49 4.96
C LEU A 435 10.36 8.11 5.09
N PRO A 436 11.63 8.04 5.44
CA PRO A 436 12.17 6.73 5.80
C PRO A 436 11.28 6.12 6.88
N ILE A 437 11.19 4.78 6.89
CA ILE A 437 10.46 4.13 7.96
C ILE A 437 11.28 4.30 9.25
N LEU A 438 10.72 5.01 10.23
CA LEU A 438 11.48 5.43 11.40
C LEU A 438 11.52 4.30 12.44
N LYS A 439 12.65 4.21 13.18
CA LYS A 439 12.81 3.22 14.23
C LYS A 439 13.04 3.92 15.57
N TYR A 440 12.57 3.27 16.65
CA TYR A 440 12.54 3.90 17.95
C TYR A 440 13.42 3.13 18.92
N THR A 441 13.94 3.87 19.90
CA THR A 441 14.62 3.27 21.00
C THR A 441 13.62 2.48 21.83
N LYS A 442 14.18 1.52 22.59
N LYS A 442 14.17 1.56 22.63
CA LYS A 442 13.37 0.72 23.50
CA LYS A 442 13.32 0.75 23.47
C LYS A 442 12.51 1.61 24.37
C LYS A 442 12.64 1.57 24.54
N GLU A 443 13.11 2.66 24.95
N GLU A 443 13.20 2.74 24.92
CA GLU A 443 12.40 3.49 25.92
CA GLU A 443 12.51 3.60 25.90
C GLU A 443 11.16 4.14 25.30
C GLU A 443 11.23 4.22 25.32
N LYS A 444 11.19 4.43 23.99
CA LYS A 444 10.15 5.20 23.32
C LYS A 444 9.20 4.41 22.42
N SER A 445 9.51 3.18 22.03
CA SER A 445 8.79 2.60 20.88
C SER A 445 7.35 2.24 21.24
N LYS A 446 7.14 1.62 22.40
CA LYS A 446 5.82 1.38 22.95
C LYS A 446 4.98 2.65 23.04
N GLU A 447 5.59 3.70 23.57
CA GLU A 447 4.91 4.98 23.72
C GLU A 447 4.58 5.55 22.36
N PHE A 448 5.53 5.54 21.43
CA PHE A 448 5.21 6.14 20.15
C PHE A 448 4.05 5.41 19.49
N VAL A 449 4.13 4.10 19.48
CA VAL A 449 3.18 3.30 18.69
C VAL A 449 1.76 3.40 19.30
N SER A 450 1.69 3.56 20.62
CA SER A 450 0.39 3.77 21.29
C SER A 450 -0.23 5.10 20.91
N ILE A 451 0.55 6.20 20.93
CA ILE A 451 0.04 7.54 20.60
C ILE A 451 -0.39 7.60 19.13
N ASP A 452 0.44 7.10 18.22
CA ASP A 452 0.09 6.99 16.80
C ASP A 452 -1.27 6.30 16.60
N THR A 453 -1.47 5.14 17.25
CA THR A 453 -2.71 4.38 17.13
C THR A 453 -3.92 5.16 17.65
N ALA A 454 -3.80 5.74 18.84
CA ALA A 454 -4.90 6.50 19.40
C ALA A 454 -5.16 7.75 18.57
N MET A 455 -4.14 8.42 18.07
CA MET A 455 -4.39 9.60 17.24
C MET A 455 -5.05 9.20 15.94
N ARG A 456 -4.59 8.10 15.35
CA ARG A 456 -5.19 7.56 14.13
C ARG A 456 -6.70 7.37 14.27
N ALA A 457 -7.15 6.77 15.38
CA ALA A 457 -8.59 6.56 15.50
C ALA A 457 -9.32 7.90 15.55
N VAL A 458 -8.82 8.89 16.30
CA VAL A 458 -9.49 10.16 16.28
C VAL A 458 -9.52 10.76 14.87
N VAL A 459 -8.39 10.70 14.14
CA VAL A 459 -8.34 11.27 12.79
C VAL A 459 -9.35 10.57 11.89
N GLU A 460 -9.33 9.24 11.88
CA GLU A 460 -10.18 8.55 10.93
C GLU A 460 -11.64 8.74 11.26
N GLU A 461 -11.98 8.84 12.52
CA GLU A 461 -13.39 9.02 12.84
C GLU A 461 -13.88 10.45 12.54
N LYS A 462 -13.07 11.49 12.90
CA LYS A 462 -13.45 12.86 12.55
C LYS A 462 -13.43 13.07 11.04
N ALA A 463 -12.40 12.57 10.35
CA ALA A 463 -12.30 12.90 8.94
C ALA A 463 -13.47 12.28 8.19
N GLN A 464 -13.79 11.03 8.54
CA GLN A 464 -14.94 10.38 7.91
C GLN A 464 -16.26 11.08 8.26
N GLN A 465 -16.43 11.50 9.49
CA GLN A 465 -17.67 12.17 9.80
C GLN A 465 -17.75 13.56 9.12
N TRP A 466 -16.63 14.28 9.02
CA TRP A 466 -16.65 15.56 8.32
C TRP A 466 -16.91 15.39 6.83
N ILE A 467 -16.25 14.43 6.18
CA ILE A 467 -16.40 14.26 4.74
C ILE A 467 -17.85 13.94 4.42
N LEU A 468 -18.47 13.13 5.25
CA LEU A 468 -19.82 12.66 4.96
C LEU A 468 -20.88 13.68 5.32
N GLY A 469 -20.52 14.78 5.97
CA GLY A 469 -21.43 15.87 6.15
C GLY A 469 -21.90 16.16 7.56
N SER A 470 -21.55 15.35 8.57
CA SER A 470 -21.87 15.72 9.96
C SER A 470 -20.99 16.85 10.48
N GLY A 471 -21.61 17.74 11.27
CA GLY A 471 -20.78 18.68 11.95
C GLY A 471 -20.26 19.76 11.00
N ASP A 472 -19.23 20.45 11.48
CA ASP A 472 -18.66 21.57 10.75
C ASP A 472 -17.17 21.64 11.09
N ILE A 473 -16.30 21.36 10.12
CA ILE A 473 -14.88 21.24 10.51
C ILE A 473 -14.32 22.57 11.04
N ASP A 474 -14.87 23.70 10.59
CA ASP A 474 -14.40 25.02 11.04
C ASP A 474 -14.79 25.26 12.47
N LYS A 475 -16.01 24.84 12.87
CA LYS A 475 -16.36 24.91 14.30
C LYS A 475 -15.60 23.85 15.15
N GLU A 476 -15.33 22.66 14.60
CA GLU A 476 -14.82 21.56 15.41
C GLU A 476 -13.29 21.39 15.36
N TRP A 477 -12.58 22.21 14.60
CA TRP A 477 -11.19 21.93 14.30
C TRP A 477 -10.33 22.00 15.56
N ASP A 478 -10.45 23.11 16.32
CA ASP A 478 -9.59 23.32 17.48
C ASP A 478 -9.81 22.25 18.56
N ALA A 479 -11.07 21.90 18.82
CA ALA A 479 -11.38 20.84 19.77
C ALA A 479 -10.68 19.53 19.34
N TYR A 480 -10.75 19.24 18.02
CA TYR A 480 -10.03 18.12 17.43
C TYR A 480 -8.52 18.22 17.68
N ILE A 481 -7.89 19.34 17.39
CA ILE A 481 -6.43 19.43 17.62
C ILE A 481 -6.11 19.22 19.10
N LYS A 482 -6.95 19.75 19.99
N LYS A 482 -6.95 19.76 19.99
CA LYS A 482 -6.71 19.58 21.43
CA LYS A 482 -6.74 19.59 21.43
C LYS A 482 -6.79 18.10 21.83
C LYS A 482 -6.81 18.11 21.83
N ARG A 483 -7.67 17.34 21.17
CA ARG A 483 -7.72 15.91 21.46
C ARG A 483 -6.42 15.24 21.07
N LEU A 484 -5.92 15.56 19.87
CA LEU A 484 -4.67 14.94 19.43
C LEU A 484 -3.53 15.34 20.38
N GLU A 485 -3.54 16.59 20.87
CA GLU A 485 -2.55 17.03 21.85
C GLU A 485 -2.68 16.32 23.18
N ASN A 486 -3.91 16.16 23.69
CA ASN A 486 -4.13 15.39 24.90
C ASN A 486 -3.63 13.97 24.74
N LEU A 487 -3.78 13.41 23.51
CA LEU A 487 -3.30 12.07 23.25
C LEU A 487 -1.78 11.98 23.24
N GLY A 488 -1.07 13.07 23.07
CA GLY A 488 0.38 12.95 23.15
C GLY A 488 1.05 13.38 21.83
N LEU A 489 0.31 14.08 20.96
CA LEU A 489 0.87 14.62 19.73
C LEU A 489 2.27 15.25 19.86
N SER A 490 2.48 16.21 20.78
CA SER A 490 3.84 16.81 21.00
C SER A 490 4.91 15.77 21.34
N LYS A 491 4.61 14.83 22.25
CA LYS A 491 5.54 13.74 22.54
C LYS A 491 5.81 12.87 21.31
N ALA A 492 4.76 12.54 20.57
CA ALA A 492 4.99 11.82 19.30
C ALA A 492 5.84 12.66 18.32
N GLU A 493 5.61 13.98 18.18
CA GLU A 493 6.49 14.76 17.30
C GLU A 493 7.92 14.75 17.79
N GLN A 494 8.12 14.87 19.08
CA GLN A 494 9.46 14.76 19.63
C GLN A 494 10.11 13.43 19.28
N ILE A 495 9.42 12.32 19.55
CA ILE A 495 9.99 11.02 19.22
C ILE A 495 10.29 10.92 17.73
N GLN A 496 9.37 11.40 16.90
CA GLN A 496 9.61 11.32 15.46
C GLN A 496 10.89 12.09 15.06
N ASN A 497 11.04 13.29 15.59
CA ASN A 497 12.10 14.15 15.11
C ASN A 497 13.46 13.64 15.54
N GLU A 498 13.51 13.05 16.75
CA GLU A 498 14.71 12.40 17.25
C GLU A 498 15.04 11.15 16.48
N ALA A 499 14.04 10.41 16.01
CA ALA A 499 14.36 9.26 15.18
C ALA A 499 14.73 9.66 13.76
N PHE A 500 14.47 10.92 13.38
CA PHE A 500 14.68 11.29 11.98
C PHE A 500 16.17 11.61 11.78
#